data_8J4J
#
_entry.id   8J4J
#
_cell.length_a   91.522
_cell.length_b   91.522
_cell.length_c   150.454
_cell.angle_alpha   90.00
_cell.angle_beta   90.00
_cell.angle_gamma   120.00
#
_symmetry.space_group_name_H-M   'P 63 2 2'
#
loop_
_entity.id
_entity.type
_entity.pdbx_description
1 polymer 'Ferric iron ABC transporter iron-binding protein'
2 non-polymer 'FE (III) ION'
3 non-polymer 'CARBONATE ION'
4 water water
#
_entity_poly.entity_id   1
_entity_poly.type   'polypeptide(L)'
_entity_poly.pdbx_seq_one_letter_code
;QDITLYSGRGETLVKPIIEQFEKQSGIKVNVRYGDTAQLAVLLQEEGARSPADVYWGQDAGAMGALANAGLLATLPEAVY
KQLPEIYTSKTGQWVAASGRSRVIAYSTERASAEDIPASVFDLTSEKYQGRFGLAPTNGGFQSFVTAMRVQHGDEKTLAW
LKAMKANQPKIYRNNTTQIQAIGDGEIDFALVNNYYLPRFVAANASFPAKQTYFAEGDIGNLVNVAGVAVLKSSKKQPQA
IQFIEYMLSPAAQQYFTSVVGEYPVTQGIIPNPVLGELDTLLQAAPSIDLDQLADLQGTLKLLRDAGLL
;
_entity_poly.pdbx_strand_id   A
#
# COMPACT_ATOMS: atom_id res chain seq x y z
N GLN A 1 11.07 16.51 26.16
CA GLN A 1 10.82 16.69 24.70
C GLN A 1 9.68 15.80 24.20
N ASP A 2 8.98 16.31 23.19
CA ASP A 2 7.83 15.62 22.64
C ASP A 2 7.75 15.95 21.16
N ILE A 3 7.01 15.12 20.40
CA ILE A 3 6.70 15.45 19.03
C ILE A 3 5.24 15.17 18.77
N THR A 4 4.77 15.77 17.66
CA THR A 4 3.38 15.65 17.28
C THR A 4 3.32 14.86 15.98
N LEU A 5 2.62 13.74 16.00
CA LEU A 5 2.40 12.88 14.84
C LEU A 5 0.94 12.98 14.40
N TYR A 6 0.72 13.16 13.09
CA TYR A 6 -0.58 12.95 12.44
C TYR A 6 -0.62 11.58 11.75
N SER A 7 -1.47 10.68 12.24
CA SER A 7 -1.43 9.28 11.80
C SER A 7 -2.71 8.89 11.09
N GLY A 8 -2.57 8.52 9.81
CA GLY A 8 -3.61 7.84 9.07
C GLY A 8 -3.62 6.34 9.39
N ARG A 9 -2.70 5.95 10.26
CA ARG A 9 -2.65 4.52 10.67
C ARG A 9 -3.51 4.36 11.92
N GLY A 10 -4.18 3.23 12.05
CA GLY A 10 -5.10 2.98 13.15
C GLY A 10 -4.34 2.87 14.47
N GLU A 11 -4.98 3.36 15.52
CA GLU A 11 -4.39 3.36 16.84
C GLU A 11 -4.00 1.96 17.34
N THR A 12 -4.77 0.91 17.00
CA THR A 12 -4.42 -0.40 17.56
C THR A 12 -3.07 -0.86 16.97
N LEU A 13 -2.74 -0.42 15.75
CA LEU A 13 -1.47 -0.69 15.09
C LEU A 13 -0.33 0.17 15.63
N VAL A 14 -0.62 1.44 15.87
CA VAL A 14 0.39 2.45 16.11
C VAL A 14 0.80 2.47 17.57
N LYS A 15 -0.19 2.47 18.46
CA LYS A 15 0.06 2.70 19.87
C LYS A 15 1.23 1.86 20.37
N PRO A 16 1.35 0.55 20.04
CA PRO A 16 2.42 -0.26 20.61
C PRO A 16 3.80 0.23 20.13
N ILE A 17 3.84 0.71 18.87
CA ILE A 17 5.05 1.24 18.26
C ILE A 17 5.50 2.50 18.97
N ILE A 18 4.60 3.46 19.17
CA ILE A 18 5.00 4.73 19.72
C ILE A 18 5.31 4.56 21.20
N GLU A 19 4.59 3.67 21.89
CA GLU A 19 4.87 3.51 23.30
C GLU A 19 6.25 2.91 23.48
N GLN A 20 6.62 1.93 22.67
CA GLN A 20 7.96 1.39 22.77
C GLN A 20 9.00 2.45 22.39
N PHE A 21 8.67 3.25 21.38
CA PHE A 21 9.57 4.31 20.98
C PHE A 21 9.82 5.27 22.14
N GLU A 22 8.75 5.71 22.83
CA GLU A 22 8.89 6.61 23.97
C GLU A 22 9.76 5.96 25.03
N LYS A 23 9.45 4.71 25.34
CA LYS A 23 10.21 3.92 26.28
C LYS A 23 11.69 3.95 25.92
N GLN A 24 12.09 3.58 24.70
CA GLN A 24 13.50 3.51 24.37
C GLN A 24 14.12 4.90 24.26
N SER A 25 13.35 5.89 23.80
CA SER A 25 13.93 7.13 23.29
C SER A 25 13.85 8.28 24.29
N GLY A 26 12.81 8.31 25.12
CA GLY A 26 12.61 9.42 26.02
C GLY A 26 11.61 10.44 25.50
N ILE A 27 11.26 10.33 24.21
CA ILE A 27 10.45 11.33 23.53
C ILE A 27 8.96 10.93 23.55
N LYS A 28 8.13 11.88 23.99
CA LYS A 28 6.69 11.72 24.02
C LYS A 28 6.19 11.89 22.60
N VAL A 29 5.27 11.03 22.15
CA VAL A 29 4.60 11.25 20.88
C VAL A 29 3.12 11.56 21.09
N ASN A 30 2.72 12.79 20.69
CA ASN A 30 1.34 13.22 20.75
C ASN A 30 0.68 12.99 19.40
N VAL A 31 -0.23 12.02 19.35
CA VAL A 31 -0.76 11.54 18.09
C VAL A 31 -2.15 12.12 17.88
N ARG A 32 -2.43 12.50 16.63
CA ARG A 32 -3.78 12.80 16.23
C ARG A 32 -4.16 11.80 15.13
N TYR A 33 -5.12 10.92 15.46
CA TYR A 33 -5.57 9.91 14.52
C TYR A 33 -6.54 10.50 13.52
N GLY A 34 -6.60 9.86 12.34
CA GLY A 34 -7.59 10.22 11.33
C GLY A 34 -7.39 9.49 10.00
N ASP A 35 -8.07 10.00 8.98
CA ASP A 35 -8.05 9.41 7.65
C ASP A 35 -6.86 9.99 6.90
N THR A 36 -6.11 9.13 6.20
CA THR A 36 -4.90 9.52 5.47
C THR A 36 -5.18 10.74 4.59
N ALA A 37 -6.15 10.60 3.69
CA ALA A 37 -6.51 11.68 2.76
C ALA A 37 -6.94 12.95 3.52
N GLN A 38 -7.78 12.77 4.54
CA GLN A 38 -8.31 13.89 5.31
C GLN A 38 -7.18 14.66 6.02
N LEU A 39 -6.20 13.95 6.61
CA LEU A 39 -5.09 14.62 7.29
C LEU A 39 -4.16 15.35 6.31
N ALA A 40 -4.05 14.89 5.05
CA ALA A 40 -3.26 15.62 4.06
C ALA A 40 -3.96 16.94 3.67
N VAL A 41 -5.29 16.88 3.53
CA VAL A 41 -6.05 18.10 3.27
C VAL A 41 -5.76 19.07 4.40
N LEU A 42 -5.92 18.58 5.64
CA LEU A 42 -5.76 19.44 6.80
C LEU A 42 -4.39 20.09 6.83
N LEU A 43 -3.37 19.33 6.49
CA LEU A 43 -2.03 19.90 6.50
C LEU A 43 -1.90 21.05 5.49
N GLN A 44 -2.46 20.86 4.30
CA GLN A 44 -2.38 21.88 3.28
C GLN A 44 -3.08 23.13 3.77
N GLU A 45 -4.25 22.99 4.38
CA GLU A 45 -4.92 24.16 4.94
C GLU A 45 -4.08 24.81 6.04
N GLU A 46 -3.48 24.00 6.93
CA GLU A 46 -2.71 24.52 8.05
C GLU A 46 -1.42 25.15 7.55
N GLY A 47 -0.90 24.66 6.41
CA GLY A 47 0.38 25.13 5.89
C GLY A 47 1.45 25.22 6.98
N ALA A 48 2.15 26.36 7.03
CA ALA A 48 3.34 26.49 7.85
C ALA A 48 2.98 26.66 9.32
N ARG A 49 1.70 26.83 9.64
CA ARG A 49 1.34 26.97 11.04
C ARG A 49 0.91 25.61 11.63
N SER A 50 1.06 24.52 10.87
CA SER A 50 0.73 23.22 11.43
C SER A 50 1.62 22.87 12.63
N PRO A 51 1.05 22.28 13.70
CA PRO A 51 1.86 21.80 14.82
C PRO A 51 2.50 20.43 14.61
N ALA A 52 2.14 19.78 13.50
CA ALA A 52 2.62 18.43 13.20
C ALA A 52 4.12 18.47 12.86
N ASP A 53 4.84 17.45 13.36
CA ASP A 53 6.24 17.17 13.09
C ASP A 53 6.38 16.04 12.09
N VAL A 54 5.53 15.00 12.24
CA VAL A 54 5.60 13.79 11.42
C VAL A 54 4.22 13.47 10.85
N TYR A 55 4.21 12.95 9.63
CA TYR A 55 2.97 12.51 9.01
C TYR A 55 3.21 11.07 8.60
N TRP A 56 2.26 10.19 8.93
CA TRP A 56 2.37 8.78 8.63
C TRP A 56 1.03 8.33 8.09
N GLY A 57 1.01 7.92 6.83
CA GLY A 57 -0.23 7.57 6.16
C GLY A 57 -0.12 6.18 5.55
N GLN A 58 -1.21 5.73 4.92
CA GLN A 58 -1.22 4.40 4.34
C GLN A 58 -1.69 4.48 2.88
N ASP A 59 -1.40 5.61 2.22
CA ASP A 59 -1.60 5.70 0.79
C ASP A 59 -0.74 6.81 0.21
N ALA A 60 -0.02 6.42 -0.86
CA ALA A 60 0.96 7.25 -1.54
C ALA A 60 0.35 8.46 -2.24
N GLY A 61 -0.91 8.40 -2.67
CA GLY A 61 -1.55 9.56 -3.27
C GLY A 61 -1.57 10.77 -2.34
N ALA A 62 -2.09 10.58 -1.12
CA ALA A 62 -2.11 11.65 -0.13
C ALA A 62 -0.69 12.19 0.14
N MET A 63 0.29 11.30 0.27
CA MET A 63 1.66 11.74 0.52
C MET A 63 2.16 12.56 -0.68
N GLY A 64 1.80 12.11 -1.89
CA GLY A 64 2.29 12.72 -3.12
C GLY A 64 1.78 14.16 -3.22
N ALA A 65 0.54 14.33 -2.80
CA ALA A 65 0.02 15.68 -2.81
C ALA A 65 0.79 16.57 -1.82
N LEU A 66 1.23 16.06 -0.66
CA LEU A 66 1.97 16.90 0.28
C LEU A 66 3.31 17.30 -0.31
N ALA A 67 3.93 16.36 -1.00
CA ALA A 67 5.25 16.57 -1.55
C ALA A 67 5.18 17.64 -2.63
N ASN A 68 4.14 17.54 -3.48
CA ASN A 68 3.89 18.49 -4.53
C ASN A 68 3.56 19.84 -3.92
N ALA A 69 2.86 19.89 -2.79
CA ALA A 69 2.52 21.14 -2.13
C ALA A 69 3.75 21.77 -1.47
N GLY A 70 4.88 21.07 -1.49
CA GLY A 70 6.10 21.63 -0.92
C GLY A 70 6.08 21.70 0.61
N LEU A 71 5.33 20.81 1.27
CA LEU A 71 5.21 20.85 2.73
C LEU A 71 6.14 19.87 3.45
N LEU A 72 6.93 19.05 2.72
CA LEU A 72 7.72 17.99 3.35
C LEU A 72 9.20 18.34 3.35
N ALA A 73 9.87 18.06 4.47
CA ALA A 73 11.31 18.22 4.60
C ALA A 73 12.05 17.09 3.90
N THR A 74 13.15 17.46 3.24
CA THR A 74 14.11 16.51 2.74
C THR A 74 14.72 15.79 3.93
N LEU A 75 14.66 14.46 3.94
CA LEU A 75 15.26 13.64 4.98
C LEU A 75 16.75 13.57 4.75
N PRO A 76 17.54 13.31 5.81
CA PRO A 76 18.98 13.05 5.64
C PRO A 76 19.17 11.82 4.78
N GLU A 77 20.26 11.79 4.03
CA GLU A 77 20.61 10.65 3.21
C GLU A 77 20.74 9.40 4.05
N ALA A 78 21.21 9.55 5.29
CA ALA A 78 21.40 8.39 6.17
C ALA A 78 20.09 7.66 6.38
N VAL A 79 18.96 8.35 6.26
CA VAL A 79 17.70 7.67 6.46
C VAL A 79 17.34 6.90 5.19
N TYR A 80 17.39 7.51 4.00
CA TYR A 80 16.67 6.91 2.88
C TYR A 80 17.57 6.22 1.85
N LYS A 81 18.87 6.54 1.83
CA LYS A 81 19.69 6.16 0.69
C LYS A 81 19.95 4.65 0.61
N GLN A 82 19.71 3.92 1.69
CA GLN A 82 20.05 2.51 1.72
C GLN A 82 18.83 1.69 1.36
N LEU A 83 17.66 2.34 1.27
CA LEU A 83 16.42 1.66 0.95
C LEU A 83 16.27 1.42 -0.55
N PRO A 84 15.57 0.32 -0.90
CA PRO A 84 15.21 0.04 -2.28
C PRO A 84 14.40 1.19 -2.86
N GLU A 85 14.47 1.33 -4.19
CA GLU A 85 13.90 2.52 -4.80
C GLU A 85 12.36 2.50 -4.74
N ILE A 86 11.72 1.32 -4.68
CA ILE A 86 10.26 1.27 -4.62
C ILE A 86 9.79 1.76 -3.26
N TYR A 87 10.71 2.13 -2.34
CA TYR A 87 10.34 2.37 -0.95
C TYR A 87 10.74 3.77 -0.51
N THR A 88 11.19 4.60 -1.45
CA THR A 88 11.74 5.88 -1.07
C THR A 88 11.28 6.92 -2.08
N SER A 89 11.01 8.13 -1.60
CA SER A 89 10.96 9.30 -2.47
C SER A 89 12.24 9.39 -3.29
N LYS A 90 12.07 9.67 -4.59
CA LYS A 90 13.12 10.06 -5.53
C LYS A 90 14.06 11.09 -4.93
N THR A 91 13.49 12.14 -4.32
CA THR A 91 14.28 13.21 -3.71
C THR A 91 14.21 13.22 -2.18
N GLY A 92 13.90 12.08 -1.55
CA GLY A 92 14.14 11.95 -0.12
C GLY A 92 13.13 12.67 0.78
N GLN A 93 11.88 12.86 0.33
CA GLN A 93 10.91 13.61 1.12
C GLN A 93 10.03 12.71 1.98
N TRP A 94 10.11 11.41 1.73
CA TRP A 94 9.43 10.42 2.55
C TRP A 94 10.07 9.06 2.30
N VAL A 95 9.83 8.16 3.24
CA VAL A 95 10.21 6.76 3.13
C VAL A 95 9.03 5.92 3.58
N ALA A 96 8.95 4.75 2.94
CA ALA A 96 8.05 3.68 3.33
C ALA A 96 8.54 3.09 4.65
N ALA A 97 7.62 2.91 5.61
CA ALA A 97 7.84 2.11 6.81
C ALA A 97 7.47 0.65 6.53
N SER A 98 6.53 0.44 5.59
CA SER A 98 6.13 -0.91 5.23
C SER A 98 5.52 -0.91 3.83
N GLY A 99 5.51 -2.08 3.22
CA GLY A 99 4.97 -2.24 1.87
C GLY A 99 3.58 -2.86 1.85
N ARG A 100 2.70 -2.30 1.03
CA ARG A 100 1.34 -2.80 0.86
C ARG A 100 1.11 -3.03 -0.62
N SER A 101 1.49 -4.19 -1.10
CA SER A 101 1.47 -4.45 -2.53
C SER A 101 0.14 -5.03 -2.98
N ARG A 102 -0.02 -5.00 -4.30
CA ARG A 102 -1.09 -5.66 -5.02
C ARG A 102 -0.61 -7.04 -5.45
N VAL A 103 -1.49 -8.02 -5.31
CA VAL A 103 -1.19 -9.39 -5.68
C VAL A 103 -2.42 -9.96 -6.35
N ILE A 104 -2.30 -11.18 -6.83
CA ILE A 104 -3.46 -11.92 -7.26
C ILE A 104 -3.59 -13.16 -6.39
N ALA A 105 -4.74 -13.22 -5.70
CA ALA A 105 -5.16 -14.34 -4.89
C ALA A 105 -5.82 -15.34 -5.84
N TYR A 106 -5.73 -16.64 -5.56
CA TYR A 106 -6.32 -17.63 -6.45
C TYR A 106 -6.69 -18.87 -5.64
N SER A 107 -7.78 -19.53 -6.08
CA SER A 107 -8.26 -20.79 -5.50
C SER A 107 -7.24 -21.89 -5.71
N THR A 108 -6.88 -22.58 -4.62
CA THR A 108 -5.99 -23.74 -4.72
C THR A 108 -6.76 -25.02 -5.07
N GLU A 109 -8.10 -24.95 -5.12
CA GLU A 109 -8.92 -26.12 -5.38
C GLU A 109 -9.42 -26.11 -6.83
N ARG A 110 -9.49 -24.92 -7.42
CA ARG A 110 -10.07 -24.80 -8.79
C ARG A 110 -9.06 -24.13 -9.71
N ALA A 111 -7.83 -23.91 -9.23
CA ALA A 111 -6.81 -23.24 -10.05
C ALA A 111 -5.41 -23.46 -9.47
N SER A 112 -4.38 -22.93 -10.12
CA SER A 112 -3.03 -23.02 -9.59
C SER A 112 -2.17 -21.86 -10.09
N ALA A 113 -0.90 -21.83 -9.64
CA ALA A 113 0.05 -20.81 -10.04
C ALA A 113 0.19 -20.77 -11.57
N GLU A 114 -0.03 -21.90 -12.24
CA GLU A 114 0.03 -21.97 -13.71
C GLU A 114 -0.93 -20.98 -14.36
N ASP A 115 -2.17 -20.91 -13.86
CA ASP A 115 -3.25 -20.18 -14.51
C ASP A 115 -3.11 -18.66 -14.35
N ILE A 116 -2.13 -18.21 -13.56
CA ILE A 116 -1.81 -16.79 -13.40
C ILE A 116 -0.98 -16.37 -14.61
N PRO A 117 -1.40 -15.32 -15.35
CA PRO A 117 -0.71 -14.88 -16.56
C PRO A 117 0.37 -13.84 -16.33
N ALA A 118 1.04 -13.48 -17.42
CA ALA A 118 2.22 -12.62 -17.35
C ALA A 118 1.80 -11.21 -16.94
N SER A 119 0.61 -10.77 -17.36
CA SER A 119 0.20 -9.40 -17.11
C SER A 119 -1.25 -9.36 -16.61
N VAL A 120 -1.52 -8.32 -15.82
CA VAL A 120 -2.86 -8.02 -15.33
C VAL A 120 -3.78 -7.72 -16.52
N PHE A 121 -3.21 -7.33 -17.68
CA PHE A 121 -3.99 -7.00 -18.86
C PHE A 121 -4.60 -8.26 -19.48
N ASP A 122 -4.08 -9.43 -19.10
CA ASP A 122 -4.43 -10.67 -19.77
C ASP A 122 -5.71 -11.23 -19.18
N LEU A 123 -6.20 -10.62 -18.09
CA LEU A 123 -7.33 -11.19 -17.35
C LEU A 123 -8.68 -10.89 -18.02
N THR A 124 -8.65 -10.12 -19.11
CA THR A 124 -9.85 -9.81 -19.90
C THR A 124 -10.28 -11.02 -20.72
N SER A 125 -9.36 -11.94 -20.99
CA SER A 125 -9.63 -13.14 -21.78
C SER A 125 -10.75 -14.02 -21.17
N GLU A 126 -11.19 -15.05 -21.93
CA GLU A 126 -12.37 -15.85 -21.62
C GLU A 126 -12.08 -16.86 -20.53
N LYS A 127 -10.83 -17.34 -20.50
CA LYS A 127 -10.42 -18.27 -19.42
C LYS A 127 -10.83 -17.67 -18.07
N TYR A 128 -10.97 -16.35 -18.01
CA TYR A 128 -11.22 -15.72 -16.72
C TYR A 128 -12.67 -15.27 -16.61
N GLN A 129 -13.46 -15.59 -17.63
CA GLN A 129 -14.86 -15.18 -17.78
C GLN A 129 -15.69 -15.73 -16.62
N GLY A 130 -16.34 -14.85 -15.86
CA GLY A 130 -17.08 -15.23 -14.67
C GLY A 130 -16.24 -15.92 -13.60
N ARG A 131 -14.98 -15.53 -13.40
CA ARG A 131 -14.14 -16.20 -12.43
C ARG A 131 -13.47 -15.24 -11.43
N PHE A 132 -13.76 -13.93 -11.57
CA PHE A 132 -13.13 -12.86 -10.82
C PHE A 132 -14.06 -12.20 -9.80
N GLY A 133 -13.46 -11.73 -8.71
CA GLY A 133 -14.04 -10.66 -7.91
C GLY A 133 -13.44 -9.29 -8.27
N LEU A 134 -14.16 -8.22 -7.94
CA LEU A 134 -13.61 -6.88 -7.93
C LEU A 134 -14.20 -6.16 -6.73
N ALA A 135 -13.41 -5.23 -6.16
CA ALA A 135 -13.89 -4.34 -5.13
C ALA A 135 -13.59 -2.90 -5.52
N PRO A 136 -14.32 -2.36 -6.50
CA PRO A 136 -13.89 -1.12 -7.16
C PRO A 136 -14.00 0.12 -6.29
N THR A 137 -14.48 -0.04 -5.03
CA THR A 137 -14.58 1.10 -4.11
C THR A 137 -13.47 1.03 -3.06
N ASN A 138 -12.65 0.00 -3.18
CA ASN A 138 -11.48 -0.19 -2.33
C ASN A 138 -10.38 0.78 -2.77
N GLY A 139 -9.80 1.45 -1.77
CA GLY A 139 -8.73 2.42 -1.93
C GLY A 139 -7.53 1.85 -2.66
N GLY A 140 -7.11 0.62 -2.27
CA GLY A 140 -5.95 -0.03 -2.87
C GLY A 140 -6.13 -0.32 -4.35
N PHE A 141 -7.37 -0.64 -4.73
CA PHE A 141 -7.73 -0.90 -6.10
C PHE A 141 -7.74 0.40 -6.89
N GLN A 142 -8.20 1.47 -6.26
CA GLN A 142 -8.31 2.76 -6.92
C GLN A 142 -6.92 3.34 -7.19
N SER A 143 -6.06 3.20 -6.18
CA SER A 143 -4.68 3.64 -6.28
C SER A 143 -3.97 2.81 -7.35
N PHE A 144 -4.33 1.53 -7.45
CA PHE A 144 -3.77 0.66 -8.47
C PHE A 144 -4.18 1.14 -9.87
N VAL A 145 -5.45 1.55 -10.01
CA VAL A 145 -5.94 2.04 -11.28
C VAL A 145 -5.25 3.36 -11.64
N THR A 146 -5.09 4.28 -10.66
CA THR A 146 -4.32 5.51 -10.88
C THR A 146 -2.95 5.15 -11.45
N ALA A 147 -2.33 4.14 -10.87
CA ALA A 147 -1.00 3.74 -11.30
C ALA A 147 -1.01 3.19 -12.72
N MET A 148 -2.08 2.49 -13.07
CA MET A 148 -2.20 1.96 -14.41
C MET A 148 -2.30 3.13 -15.41
N ARG A 149 -3.01 4.18 -15.00
CA ARG A 149 -3.15 5.39 -15.81
C ARG A 149 -1.77 6.01 -16.02
N VAL A 150 -1.05 6.22 -14.92
CA VAL A 150 0.27 6.82 -14.96
C VAL A 150 1.17 6.04 -15.91
N GLN A 151 1.08 4.73 -15.81
CA GLN A 151 1.98 3.87 -16.53
C GLN A 151 1.58 3.76 -17.99
N HIS A 152 0.27 3.67 -18.25
CA HIS A 152 -0.20 3.22 -19.56
C HIS A 152 -1.10 4.23 -20.28
N GLY A 153 -1.48 5.34 -19.65
CA GLY A 153 -2.52 6.22 -20.18
C GLY A 153 -3.93 5.69 -19.94
N ASP A 154 -4.90 6.60 -20.08
CA ASP A 154 -6.28 6.36 -19.75
C ASP A 154 -7.02 5.48 -20.74
N GLU A 155 -6.63 5.58 -22.01
CA GLU A 155 -7.34 4.86 -23.05
C GLU A 155 -7.15 3.36 -22.82
N LYS A 156 -5.88 2.93 -22.69
CA LYS A 156 -5.55 1.53 -22.44
C LYS A 156 -6.20 1.07 -21.13
N THR A 157 -6.11 1.94 -20.11
CA THR A 157 -6.70 1.70 -18.81
C THR A 157 -8.21 1.53 -18.91
N LEU A 158 -8.91 2.38 -19.66
CA LEU A 158 -10.37 2.29 -19.70
C LEU A 158 -10.83 1.07 -20.51
N ALA A 159 -10.13 0.76 -21.59
CA ALA A 159 -10.40 -0.44 -22.35
C ALA A 159 -10.28 -1.70 -21.48
N TRP A 160 -9.26 -1.72 -20.62
CA TRP A 160 -9.10 -2.83 -19.69
C TRP A 160 -10.27 -2.86 -18.70
N LEU A 161 -10.59 -1.70 -18.12
CA LEU A 161 -11.65 -1.65 -17.12
C LEU A 161 -12.96 -2.14 -17.73
N LYS A 162 -13.30 -1.65 -18.92
CA LYS A 162 -14.56 -2.04 -19.54
C LYS A 162 -14.55 -3.51 -19.92
N ALA A 163 -13.44 -3.95 -20.54
CA ALA A 163 -13.28 -5.34 -20.93
C ALA A 163 -13.39 -6.24 -19.70
N MET A 164 -12.88 -5.80 -18.55
CA MET A 164 -13.04 -6.53 -17.30
C MET A 164 -14.52 -6.51 -16.87
N LYS A 165 -15.19 -5.36 -16.98
CA LYS A 165 -16.57 -5.28 -16.54
C LYS A 165 -17.43 -6.22 -17.37
N ALA A 166 -17.11 -6.33 -18.66
CA ALA A 166 -17.88 -7.06 -19.65
C ALA A 166 -17.61 -8.56 -19.55
N ASN A 167 -16.78 -8.96 -18.59
CA ASN A 167 -16.41 -10.35 -18.44
C ASN A 167 -17.11 -10.96 -17.21
N GLN A 168 -18.17 -10.30 -16.72
CA GLN A 168 -19.07 -10.82 -15.69
C GLN A 168 -18.33 -10.99 -14.36
N PRO A 169 -17.72 -9.92 -13.82
CA PRO A 169 -17.03 -10.04 -12.54
C PRO A 169 -18.09 -10.00 -11.46
N LYS A 170 -17.76 -10.46 -10.26
CA LYS A 170 -18.66 -10.23 -9.15
C LYS A 170 -18.07 -9.09 -8.33
N ILE A 171 -18.94 -8.25 -7.79
CA ILE A 171 -18.53 -7.01 -7.17
C ILE A 171 -18.62 -7.17 -5.66
N TYR A 172 -17.52 -6.92 -4.95
CA TYR A 172 -17.51 -7.08 -3.50
C TYR A 172 -17.12 -5.77 -2.83
N ARG A 173 -17.57 -5.69 -1.58
CA ARG A 173 -17.35 -4.56 -0.70
C ARG A 173 -15.86 -4.41 -0.40
N ASN A 174 -15.12 -5.51 -0.22
CA ASN A 174 -13.74 -5.39 0.23
C ASN A 174 -12.93 -6.65 -0.09
N ASN A 175 -11.63 -6.62 0.27
CA ASN A 175 -10.74 -7.74 0.06
C ASN A 175 -11.12 -8.95 0.93
N THR A 176 -11.57 -8.74 2.18
CA THR A 176 -11.91 -9.86 3.04
C THR A 176 -12.98 -10.75 2.39
N THR A 177 -14.02 -10.11 1.83
CA THR A 177 -15.14 -10.81 1.24
C THR A 177 -14.76 -11.42 -0.11
N GLN A 178 -13.75 -10.85 -0.76
CA GLN A 178 -13.22 -11.45 -1.99
C GLN A 178 -12.46 -12.75 -1.69
N ILE A 179 -11.68 -12.75 -0.61
CA ILE A 179 -10.90 -13.91 -0.27
C ILE A 179 -11.86 -15.00 0.19
N GLN A 180 -12.81 -14.59 1.05
CA GLN A 180 -13.86 -15.47 1.52
C GLN A 180 -14.51 -16.15 0.31
N ALA A 181 -14.90 -15.34 -0.68
CA ALA A 181 -15.59 -15.82 -1.86
C ALA A 181 -14.74 -16.84 -2.62
N ILE A 182 -13.40 -16.78 -2.48
CA ILE A 182 -12.58 -17.79 -3.12
C ILE A 182 -12.81 -19.12 -2.43
N GLY A 183 -12.58 -19.16 -1.11
CA GLY A 183 -12.79 -20.36 -0.31
C GLY A 183 -14.22 -20.89 -0.39
N ASP A 184 -15.20 -19.99 -0.56
CA ASP A 184 -16.60 -20.39 -0.64
C ASP A 184 -16.93 -20.87 -2.05
N GLY A 185 -16.06 -20.66 -3.03
CA GLY A 185 -16.28 -21.23 -4.35
C GLY A 185 -17.01 -20.30 -5.34
N GLU A 186 -17.34 -19.06 -4.96
CA GLU A 186 -17.99 -18.11 -5.89
C GLU A 186 -17.04 -17.63 -7.02
N ILE A 187 -15.72 -17.62 -6.78
CA ILE A 187 -14.74 -17.04 -7.71
C ILE A 187 -13.43 -17.81 -7.59
N ASP A 188 -12.64 -17.86 -8.66
CA ASP A 188 -11.34 -18.54 -8.58
C ASP A 188 -10.19 -17.54 -8.39
N PHE A 189 -10.46 -16.24 -8.54
CA PHE A 189 -9.41 -15.24 -8.64
C PHE A 189 -9.84 -13.92 -8.03
N ALA A 190 -8.89 -13.20 -7.41
CA ALA A 190 -9.10 -11.82 -6.98
C ALA A 190 -7.79 -11.04 -6.95
N LEU A 191 -7.90 -9.73 -7.25
CA LEU A 191 -6.84 -8.76 -7.10
C LEU A 191 -6.99 -8.06 -5.76
N VAL A 192 -5.98 -8.20 -4.91
CA VAL A 192 -6.11 -7.74 -3.55
C VAL A 192 -4.80 -7.13 -3.13
N ASN A 193 -4.87 -6.39 -2.02
CA ASN A 193 -3.72 -5.98 -1.24
C ASN A 193 -3.16 -7.21 -0.51
N ASN A 194 -1.85 -7.22 -0.24
CA ASN A 194 -1.11 -8.43 0.11
C ASN A 194 -1.37 -8.92 1.54
N TYR A 195 -1.86 -8.05 2.43
CA TYR A 195 -1.88 -8.33 3.86
C TYR A 195 -3.21 -8.90 4.34
N TYR A 196 -4.04 -9.44 3.44
CA TYR A 196 -5.35 -9.97 3.83
C TYR A 196 -5.32 -11.48 4.02
N LEU A 197 -4.81 -12.20 3.03
CA LEU A 197 -4.69 -13.65 3.09
C LEU A 197 -3.96 -14.09 4.36
N PRO A 198 -2.88 -13.39 4.83
CA PRO A 198 -2.22 -13.75 6.10
C PRO A 198 -3.12 -13.84 7.34
N ARG A 199 -4.18 -13.02 7.40
CA ARG A 199 -5.19 -13.17 8.44
C ARG A 199 -5.97 -14.48 8.26
N PHE A 200 -6.33 -14.84 7.03
CA PHE A 200 -7.13 -16.04 6.82
C PHE A 200 -6.35 -17.29 7.22
N VAL A 201 -5.05 -17.26 6.92
CA VAL A 201 -4.15 -18.39 7.08
C VAL A 201 -3.78 -18.53 8.57
N ALA A 202 -3.90 -17.43 9.31
CA ALA A 202 -3.80 -17.47 10.77
C ALA A 202 -4.93 -18.33 11.33
N ALA A 203 -6.18 -17.94 11.02
CA ALA A 203 -7.38 -18.53 11.59
C ALA A 203 -7.55 -19.97 11.14
N ASN A 204 -6.94 -20.29 10.00
CA ASN A 204 -7.06 -21.62 9.44
C ASN A 204 -5.88 -21.80 8.48
N ALA A 205 -4.82 -22.42 8.99
CA ALA A 205 -3.57 -22.58 8.26
C ALA A 205 -3.73 -23.43 7.01
N SER A 206 -4.94 -23.93 6.70
CA SER A 206 -5.17 -24.70 5.48
C SER A 206 -6.17 -23.99 4.55
N PHE A 207 -6.41 -22.69 4.78
CA PHE A 207 -7.35 -21.95 3.96
C PHE A 207 -7.00 -22.21 2.49
N PRO A 208 -7.99 -22.45 1.58
CA PRO A 208 -7.67 -22.87 0.20
C PRO A 208 -7.43 -21.78 -0.85
N ALA A 209 -6.53 -20.85 -0.53
CA ALA A 209 -6.13 -19.79 -1.44
C ALA A 209 -4.64 -19.51 -1.30
N LYS A 210 -3.96 -19.16 -2.40
CA LYS A 210 -2.67 -18.50 -2.30
C LYS A 210 -2.71 -17.18 -3.08
N GLN A 211 -1.65 -16.39 -2.93
CA GLN A 211 -1.53 -15.14 -3.66
C GLN A 211 -0.15 -15.14 -4.28
N THR A 212 -0.06 -14.62 -5.50
CA THR A 212 1.20 -14.55 -6.20
C THR A 212 1.28 -13.24 -6.99
N TYR A 213 2.35 -13.08 -7.77
CA TYR A 213 2.56 -11.93 -8.63
C TYR A 213 2.46 -12.31 -10.11
N PHE A 214 2.22 -11.29 -10.94
CA PHE A 214 2.41 -11.36 -12.37
C PHE A 214 3.90 -11.27 -12.68
N ALA A 215 4.25 -11.10 -13.96
CA ALA A 215 5.62 -11.05 -14.41
C ALA A 215 6.34 -9.80 -13.89
N GLU A 216 7.67 -9.90 -13.90
CA GLU A 216 8.56 -8.85 -13.43
C GLU A 216 8.15 -7.53 -14.03
N GLY A 217 7.96 -6.53 -13.19
CA GLY A 217 7.64 -5.19 -13.67
C GLY A 217 6.17 -4.94 -13.98
N ASP A 218 5.28 -5.95 -13.92
CA ASP A 218 3.89 -5.69 -14.31
C ASP A 218 3.26 -4.73 -13.31
N ILE A 219 2.44 -3.83 -13.81
CA ILE A 219 1.71 -2.85 -13.01
C ILE A 219 0.80 -3.53 -11.99
N GLY A 220 0.29 -4.73 -12.30
CA GLY A 220 -0.45 -5.53 -11.33
C GLY A 220 0.31 -5.93 -10.06
N ASN A 221 1.63 -5.71 -10.03
CA ASN A 221 2.41 -6.00 -8.82
C ASN A 221 2.70 -4.71 -8.04
N LEU A 222 1.97 -3.62 -8.33
CA LEU A 222 2.28 -2.33 -7.73
C LEU A 222 2.52 -2.45 -6.24
N VAL A 223 3.53 -1.74 -5.74
CA VAL A 223 3.79 -1.69 -4.31
C VAL A 223 3.42 -0.30 -3.84
N ASN A 224 2.27 -0.22 -3.16
CA ASN A 224 1.92 0.95 -2.39
C ASN A 224 2.66 0.84 -1.06
N VAL A 225 2.63 1.93 -0.30
CA VAL A 225 3.40 1.99 0.92
C VAL A 225 2.63 2.76 1.98
N ALA A 226 2.92 2.41 3.22
CA ALA A 226 2.66 3.26 4.37
C ALA A 226 3.86 4.18 4.56
N GLY A 227 3.72 5.43 4.11
CA GLY A 227 4.85 6.34 3.99
C GLY A 227 4.90 7.23 5.21
N VAL A 228 6.11 7.70 5.52
CA VAL A 228 6.28 8.58 6.66
C VAL A 228 7.24 9.68 6.28
N ALA A 229 6.97 10.88 6.82
CA ALA A 229 7.66 12.09 6.43
C ALA A 229 7.70 13.10 7.57
N VAL A 230 8.71 13.97 7.52
CA VAL A 230 8.81 15.11 8.43
C VAL A 230 8.27 16.34 7.70
N LEU A 231 7.48 17.18 8.39
CA LEU A 231 7.00 18.46 7.87
C LEU A 231 8.12 19.49 7.88
N LYS A 232 8.20 20.31 6.83
CA LYS A 232 9.10 21.45 6.80
C LYS A 232 8.88 22.38 7.98
N SER A 233 7.62 22.57 8.39
CA SER A 233 7.28 23.53 9.42
C SER A 233 7.88 23.15 10.77
N SER A 234 8.28 21.88 10.92
CA SER A 234 8.72 21.36 12.20
C SER A 234 10.01 22.04 12.64
N LYS A 235 10.10 22.25 13.96
CA LYS A 235 11.27 22.81 14.63
C LYS A 235 11.97 21.71 15.44
N LYS A 236 11.60 20.45 15.20
CA LYS A 236 12.14 19.32 15.96
C LYS A 236 12.49 18.16 15.03
N GLN A 237 13.19 18.48 13.96
CA GLN A 237 13.47 17.49 12.94
C GLN A 237 14.37 16.37 13.46
N PRO A 238 15.38 16.62 14.31
CA PRO A 238 16.18 15.55 14.87
C PRO A 238 15.36 14.45 15.58
N GLN A 239 14.42 14.89 16.44
CA GLN A 239 13.58 13.98 17.18
C GLN A 239 12.67 13.22 16.22
N ALA A 240 12.17 13.92 15.21
CA ALA A 240 11.24 13.34 14.27
C ALA A 240 11.96 12.33 13.38
N ILE A 241 13.23 12.58 13.08
CA ILE A 241 14.01 11.62 12.33
C ILE A 241 14.29 10.38 13.20
N GLN A 242 14.44 10.61 14.50
CA GLN A 242 14.72 9.49 15.37
C GLN A 242 13.53 8.56 15.36
N PHE A 243 12.34 9.15 15.33
CA PHE A 243 11.14 8.35 15.24
C PHE A 243 11.16 7.51 13.97
N ILE A 244 11.49 8.15 12.87
CA ILE A 244 11.47 7.45 11.60
C ILE A 244 12.49 6.33 11.65
N GLU A 245 13.69 6.61 12.17
CA GLU A 245 14.71 5.58 12.20
C GLU A 245 14.35 4.43 13.13
N TYR A 246 13.63 4.75 14.21
CA TYR A 246 13.05 3.72 15.04
C TYR A 246 12.14 2.82 14.20
N MET A 247 11.27 3.41 13.37
CA MET A 247 10.33 2.60 12.62
C MET A 247 11.03 1.72 11.59
N LEU A 248 12.27 2.03 11.23
CA LEU A 248 13.03 1.21 10.28
C LEU A 248 13.97 0.24 11.00
N SER A 249 13.98 0.24 12.33
CA SER A 249 14.81 -0.67 13.10
C SER A 249 14.25 -2.08 12.97
N PRO A 250 15.07 -3.12 13.19
CA PRO A 250 14.64 -4.51 12.99
C PRO A 250 13.44 -4.95 13.84
N ALA A 251 13.35 -4.51 15.09
CA ALA A 251 12.24 -4.88 15.93
C ALA A 251 10.94 -4.39 15.31
N ALA A 252 10.88 -3.12 14.90
CA ALA A 252 9.68 -2.54 14.30
C ALA A 252 9.30 -3.20 12.98
N GLN A 253 10.28 -3.43 12.12
CA GLN A 253 10.06 -4.07 10.83
C GLN A 253 9.49 -5.46 11.02
N GLN A 254 10.08 -6.18 11.96
CA GLN A 254 9.66 -7.53 12.26
C GLN A 254 8.22 -7.49 12.71
N TYR A 255 7.85 -6.51 13.53
CA TYR A 255 6.47 -6.36 14.00
C TYR A 255 5.51 -6.07 12.85
N PHE A 256 5.88 -5.16 11.94
CA PHE A 256 5.03 -4.88 10.79
C PHE A 256 4.79 -6.16 9.99
N THR A 257 5.83 -6.93 9.74
CA THR A 257 5.64 -8.05 8.85
C THR A 257 4.91 -9.19 9.59
N SER A 258 5.20 -9.39 10.88
CA SER A 258 4.65 -10.51 11.61
C SER A 258 3.29 -10.14 12.16
N VAL A 259 3.10 -8.93 12.68
CA VAL A 259 1.81 -8.61 13.26
C VAL A 259 0.87 -8.02 12.21
N VAL A 260 1.33 -7.11 11.37
CA VAL A 260 0.43 -6.37 10.50
C VAL A 260 0.27 -7.14 9.18
N GLY A 261 1.27 -7.95 8.83
CA GLY A 261 1.23 -8.76 7.63
C GLY A 261 1.66 -7.98 6.37
N GLU A 262 2.34 -6.84 6.56
CA GLU A 262 2.81 -6.01 5.46
C GLU A 262 4.27 -6.31 5.19
N TYR A 263 4.79 -5.93 4.02
CA TYR A 263 6.18 -6.21 3.72
C TYR A 263 7.09 -5.29 4.53
N PRO A 264 8.27 -5.78 4.95
CA PRO A 264 9.30 -4.95 5.56
C PRO A 264 9.97 -4.16 4.44
N VAL A 265 10.70 -3.11 4.82
CA VAL A 265 11.43 -2.33 3.84
C VAL A 265 12.93 -2.58 3.91
N THR A 266 13.40 -3.25 4.97
CA THR A 266 14.81 -3.56 5.14
C THR A 266 15.05 -5.07 5.01
N GLN A 267 16.31 -5.45 4.90
CA GLN A 267 16.68 -6.85 4.93
C GLN A 267 16.84 -7.28 6.40
N GLY A 268 17.19 -8.55 6.60
CA GLY A 268 17.42 -9.07 7.95
C GLY A 268 16.12 -9.31 8.74
N ILE A 269 15.01 -9.56 8.04
CA ILE A 269 13.73 -9.74 8.69
C ILE A 269 13.17 -11.12 8.35
N ILE A 270 12.52 -11.75 9.33
CA ILE A 270 12.10 -13.12 9.15
C ILE A 270 10.77 -13.09 8.42
N PRO A 271 10.70 -13.62 7.19
CA PRO A 271 9.52 -13.42 6.35
C PRO A 271 8.32 -14.21 6.83
N ASN A 272 7.17 -13.54 6.86
CA ASN A 272 5.87 -14.16 6.79
C ASN A 272 5.82 -15.14 5.61
N PRO A 273 5.47 -16.42 5.83
CA PRO A 273 5.54 -17.42 4.77
C PRO A 273 4.53 -17.18 3.64
N VAL A 274 3.43 -16.51 3.98
CA VAL A 274 2.36 -16.22 3.04
C VAL A 274 2.84 -15.19 2.00
N LEU A 275 3.64 -14.24 2.46
CA LEU A 275 4.18 -13.21 1.60
C LEU A 275 5.41 -13.73 0.86
N GLY A 276 6.32 -14.36 1.59
CA GLY A 276 7.58 -14.79 1.00
C GLY A 276 8.65 -13.72 1.13
N GLU A 277 9.69 -13.89 0.34
CA GLU A 277 10.90 -13.09 0.47
C GLU A 277 10.70 -11.70 -0.12
N LEU A 278 11.31 -10.73 0.55
CA LEU A 278 11.34 -9.37 0.04
C LEU A 278 11.99 -9.31 -1.34
N ASP A 279 13.06 -10.07 -1.56
CA ASP A 279 13.76 -10.12 -2.82
C ASP A 279 12.86 -10.47 -4.00
N THR A 280 11.89 -11.35 -3.78
CA THR A 280 10.95 -11.70 -4.82
C THR A 280 10.10 -10.48 -5.19
N LEU A 281 9.63 -9.73 -4.19
CA LEU A 281 8.85 -8.52 -4.42
C LEU A 281 9.65 -7.50 -5.22
N LEU A 282 10.90 -7.25 -4.84
CA LEU A 282 11.70 -6.27 -5.55
C LEU A 282 11.78 -6.57 -7.05
N GLN A 283 11.90 -7.84 -7.42
CA GLN A 283 11.93 -8.21 -8.82
C GLN A 283 10.57 -7.99 -9.48
N ALA A 284 9.52 -8.40 -8.78
CA ALA A 284 8.16 -8.34 -9.29
C ALA A 284 7.69 -6.89 -9.53
N ALA A 285 8.08 -5.99 -8.64
CA ALA A 285 7.46 -4.67 -8.56
C ALA A 285 7.84 -3.79 -9.74
N PRO A 286 6.86 -2.99 -10.21
CA PRO A 286 7.09 -1.98 -11.25
C PRO A 286 7.72 -0.71 -10.69
N SER A 287 8.38 0.03 -11.59
CA SER A 287 8.98 1.32 -11.30
C SER A 287 8.00 2.45 -11.58
N ILE A 288 7.51 3.08 -10.52
CA ILE A 288 6.44 4.06 -10.57
C ILE A 288 6.86 5.12 -9.58
N ASP A 289 6.75 6.38 -9.98
CA ASP A 289 6.82 7.48 -9.03
C ASP A 289 5.48 7.52 -8.29
N LEU A 290 5.51 7.22 -7.00
CA LEU A 290 4.29 7.02 -6.23
C LEU A 290 3.62 8.36 -6.02
N ASP A 291 4.37 9.44 -6.11
CA ASP A 291 3.82 10.78 -5.94
C ASP A 291 2.77 11.09 -7.03
N GLN A 292 2.84 10.36 -8.13
CA GLN A 292 1.90 10.51 -9.24
C GLN A 292 0.55 9.88 -8.93
N LEU A 293 0.38 9.21 -7.80
CA LEU A 293 -0.93 8.66 -7.52
C LEU A 293 -1.82 9.71 -6.84
N ALA A 294 -1.36 10.97 -6.75
CA ALA A 294 -2.20 12.02 -6.22
C ALA A 294 -3.50 12.20 -7.04
N ASP A 295 -3.60 11.77 -8.30
CA ASP A 295 -4.74 12.09 -9.16
C ASP A 295 -5.90 11.09 -9.03
N LEU A 296 -6.50 11.03 -7.85
CA LEU A 296 -7.59 10.10 -7.62
C LEU A 296 -8.86 10.50 -8.39
N GLN A 297 -9.19 11.80 -8.43
CA GLN A 297 -10.41 12.29 -9.10
C GLN A 297 -10.40 11.86 -10.58
N GLY A 298 -9.22 11.82 -11.20
CA GLY A 298 -9.08 11.32 -12.56
C GLY A 298 -9.52 9.86 -12.68
N THR A 299 -9.15 9.08 -11.68
CA THR A 299 -9.37 7.65 -11.67
C THR A 299 -10.84 7.36 -11.39
N LEU A 300 -11.45 8.12 -10.47
CA LEU A 300 -12.87 7.97 -10.19
C LEU A 300 -13.68 8.22 -11.46
N LYS A 301 -13.29 9.28 -12.17
CA LYS A 301 -13.92 9.60 -13.44
C LYS A 301 -13.91 8.37 -14.34
N LEU A 302 -12.74 7.73 -14.55
CA LEU A 302 -12.67 6.57 -15.44
C LEU A 302 -13.53 5.43 -14.92
N LEU A 303 -13.59 5.27 -13.61
CA LEU A 303 -14.37 4.15 -13.07
C LEU A 303 -15.85 4.40 -13.37
N ARG A 304 -16.29 5.66 -13.33
CA ARG A 304 -17.69 5.98 -13.65
C ARG A 304 -17.95 5.73 -15.13
N ASP A 305 -17.00 6.11 -15.98
CA ASP A 305 -17.12 5.85 -17.40
C ASP A 305 -17.20 4.34 -17.67
N ALA A 306 -16.41 3.52 -16.99
CA ALA A 306 -16.43 2.08 -17.22
C ALA A 306 -17.70 1.46 -16.62
N GLY A 307 -18.42 2.24 -15.79
CA GLY A 307 -19.62 1.78 -15.13
C GLY A 307 -19.35 0.92 -13.89
N LEU A 308 -18.13 1.01 -13.31
CA LEU A 308 -17.80 0.24 -12.11
C LEU A 308 -18.10 1.04 -10.84
N LEU A 309 -18.17 2.37 -10.96
CA LEU A 309 -18.74 3.26 -9.96
C LEU A 309 -19.94 4.01 -10.57
#